data_6D9Y
#
_entry.id   6D9Y
#
_cell.length_a   131.900
_cell.length_b   131.900
_cell.length_c   66.510
_cell.angle_alpha   90.000
_cell.angle_beta   90.000
_cell.angle_gamma   90.000
#
_symmetry.space_group_name_H-M   'P 42 21 2'
#
loop_
_entity.id
_entity.type
_entity.pdbx_description
1 polymer 'Short-chain dehydrogenase/reductase SDR'
2 non-polymer 1,2-ETHANEDIOL
3 non-polymer 'OXAMIC ACID'
4 non-polymer 'FORMIC ACID'
5 non-polymer NICOTINAMIDE-ADENINE-DINUCLEOTIDE
6 water water
#
_entity_poly.entity_id   1
_entity_poly.type   'polypeptide(L)'
_entity_poly.pdbx_seq_one_letter_code
;MAHHHHHHMNRIDLEGRVVVITGGARGIGYAVAQRALRSGAAVALWDLDAERLARSERELAELGKVCAVTVDQTKEAQIE
AAVGKTLAAFGAIDVLINCAGITGGNGTTWELEPDVWRQVIDVNLIGPYLVCRAVVPQMLKQGYGRIVNIASVAGKEGNP
NASHYSASKAGLIGLTKSLGKELATKNILVNAVTPAAAKTEIFDSMKQEHIDYMLSKIPMNRFLLPDEAASLILWLGSED
CAFSTGSVFDLSGGRATY
;
_entity_poly.pdbx_strand_id   A,B
#
# COMPACT_ATOMS: atom_id res chain seq x y z
N HIS A 8 22.59 -10.32 27.75
CA HIS A 8 22.64 -8.91 28.12
C HIS A 8 21.54 -8.10 27.42
N MET A 9 20.29 -8.38 27.75
CA MET A 9 19.18 -7.68 27.12
C MET A 9 18.81 -6.43 27.90
N ASN A 10 18.34 -5.44 27.18
CA ASN A 10 17.87 -4.23 27.84
C ASN A 10 16.59 -4.53 28.60
N ARG A 11 16.41 -3.85 29.73
CA ARG A 11 15.16 -3.96 30.50
C ARG A 11 14.20 -2.86 30.04
N ILE A 12 13.27 -3.23 29.18
CA ILE A 12 12.26 -2.30 28.68
C ILE A 12 11.25 -2.07 29.79
N ASP A 13 10.94 -0.81 30.08
CA ASP A 13 9.99 -0.50 31.15
C ASP A 13 8.59 -0.42 30.53
N LEU A 14 7.78 -1.47 30.72
CA LEU A 14 6.36 -1.47 30.39
C LEU A 14 5.52 -1.68 31.64
N GLU A 15 6.07 -1.36 32.80
CA GLU A 15 5.37 -1.60 34.05
C GLU A 15 4.05 -0.84 34.07
N GLY A 16 2.97 -1.55 34.41
CA GLY A 16 1.67 -0.91 34.50
C GLY A 16 0.98 -0.66 33.18
N ARG A 17 1.61 -1.00 32.05
CA ARG A 17 1.04 -0.78 30.73
C ARG A 17 0.32 -2.04 30.25
N VAL A 18 -0.68 -1.82 29.38
CA VAL A 18 -1.43 -2.90 28.74
C VAL A 18 -1.10 -2.93 27.25
N VAL A 19 -0.67 -4.10 26.76
CA VAL A 19 -0.24 -4.30 25.38
C VAL A 19 -1.22 -5.26 24.68
N VAL A 20 -1.84 -4.80 23.61
CA VAL A 20 -2.61 -5.66 22.69
C VAL A 20 -1.68 -6.13 21.58
N ILE A 21 -1.65 -7.43 21.32
CA ILE A 21 -0.83 -8.01 20.26
C ILE A 21 -1.74 -8.82 19.35
N THR A 22 -1.92 -8.37 18.11
CA THR A 22 -2.64 -9.18 17.14
C THR A 22 -1.67 -10.19 16.51
N GLY A 23 -2.18 -11.34 16.13
CA GLY A 23 -1.32 -12.47 15.79
C GLY A 23 -0.51 -12.97 16.97
N GLY A 24 -1.01 -12.77 18.20
CA GLY A 24 -0.24 -13.04 19.39
C GLY A 24 0.00 -14.52 19.71
N ALA A 25 -0.71 -15.46 19.08
CA ALA A 25 -0.54 -16.85 19.44
C ALA A 25 0.70 -17.50 18.81
N ARG A 26 1.35 -16.87 17.84
CA ARG A 26 2.35 -17.51 16.98
CA ARG A 26 2.39 -17.53 17.07
C ARG A 26 3.46 -16.52 16.67
N GLY A 27 4.63 -17.07 16.34
CA GLY A 27 5.65 -16.32 15.62
C GLY A 27 6.13 -15.07 16.33
N ILE A 28 6.23 -13.97 15.57
CA ILE A 28 6.71 -12.72 16.15
C ILE A 28 5.78 -12.25 17.26
N GLY A 29 4.46 -12.36 17.04
CA GLY A 29 3.52 -11.89 18.05
C GLY A 29 3.71 -12.60 19.39
N TYR A 30 3.95 -13.91 19.35
CA TYR A 30 4.20 -14.66 20.58
C TYR A 30 5.50 -14.21 21.25
N ALA A 31 6.56 -14.00 20.46
CA ALA A 31 7.82 -13.50 21.04
C ALA A 31 7.66 -12.13 21.64
N VAL A 32 6.86 -11.27 21.00
CA VAL A 32 6.56 -9.96 21.59
C VAL A 32 5.82 -10.13 22.91
N ALA A 33 4.86 -11.07 22.96
CA ALA A 33 4.13 -11.30 24.20
C ALA A 33 5.08 -11.71 25.33
N GLN A 34 5.99 -12.65 25.05
CA GLN A 34 6.95 -13.08 26.07
C GLN A 34 7.75 -11.90 26.59
N ARG A 35 8.28 -11.08 25.68
CA ARG A 35 9.12 -9.97 26.10
C ARG A 35 8.31 -8.92 26.84
N ALA A 36 7.06 -8.67 26.41
CA ALA A 36 6.24 -7.67 27.09
C ALA A 36 5.92 -8.09 28.52
N LEU A 37 5.57 -9.37 28.72
CA LEU A 37 5.31 -9.88 30.07
C LEU A 37 6.57 -9.76 30.95
N ARG A 38 7.74 -10.07 30.38
CA ARG A 38 8.99 -9.94 31.10
C ARG A 38 9.35 -8.49 31.39
N SER A 39 8.69 -7.56 30.72
CA SER A 39 8.89 -6.12 30.89
C SER A 39 7.85 -5.49 31.80
N GLY A 40 6.98 -6.30 32.42
CA GLY A 40 6.00 -5.79 33.37
C GLY A 40 4.65 -5.45 32.79
N ALA A 41 4.43 -5.71 31.51
CA ALA A 41 3.13 -5.39 30.91
C ALA A 41 2.09 -6.47 31.22
N ALA A 42 0.82 -6.07 31.19
CA ALA A 42 -0.28 -7.03 30.97
C ALA A 42 -0.51 -7.14 29.47
N VAL A 43 -0.79 -8.35 28.98
CA VAL A 43 -0.89 -8.62 27.55
C VAL A 43 -2.27 -9.15 27.22
N ALA A 44 -2.93 -8.52 26.24
CA ALA A 44 -4.12 -9.08 25.61
C ALA A 44 -3.68 -9.70 24.29
N LEU A 45 -3.78 -11.03 24.20
CA LEU A 45 -3.37 -11.78 23.03
CA LEU A 45 -3.38 -11.78 23.02
C LEU A 45 -4.57 -11.90 22.10
N TRP A 46 -4.51 -11.25 20.95
CA TRP A 46 -5.61 -11.28 20.00
C TRP A 46 -5.23 -12.20 18.83
N ASP A 47 -6.05 -13.19 18.54
CA ASP A 47 -5.76 -14.05 17.40
CA ASP A 47 -5.77 -14.05 17.39
C ASP A 47 -7.04 -14.75 16.94
N LEU A 48 -6.93 -15.38 15.77
CA LEU A 48 -8.04 -16.03 15.09
C LEU A 48 -8.34 -17.41 15.64
N ASP A 49 -7.30 -18.16 16.02
CA ASP A 49 -7.42 -19.59 16.32
C ASP A 49 -7.58 -19.75 17.82
N ALA A 50 -8.82 -20.04 18.26
CA ALA A 50 -9.09 -20.18 19.69
C ALA A 50 -8.24 -21.27 20.32
N GLU A 51 -7.95 -22.34 19.57
CA GLU A 51 -7.21 -23.48 20.12
C GLU A 51 -5.74 -23.11 20.34
N ARG A 52 -5.09 -22.55 19.31
CA ARG A 52 -3.71 -22.11 19.48
CA ARG A 52 -3.71 -22.11 19.48
C ARG A 52 -3.62 -21.00 20.53
N LEU A 53 -4.63 -20.15 20.59
CA LEU A 53 -4.68 -19.08 21.59
CA LEU A 53 -4.67 -19.08 21.58
C LEU A 53 -4.69 -19.66 22.99
N ALA A 54 -5.51 -20.69 23.21
CA ALA A 54 -5.60 -21.28 24.55
C ALA A 54 -4.28 -21.90 24.96
N ARG A 55 -3.61 -22.58 24.04
CA ARG A 55 -2.30 -23.17 24.34
C ARG A 55 -1.29 -22.09 24.66
N SER A 56 -1.24 -21.03 23.83
CA SER A 56 -0.28 -19.96 24.05
C SER A 56 -0.56 -19.21 25.34
N GLU A 57 -1.85 -18.99 25.65
CA GLU A 57 -2.21 -18.34 26.90
C GLU A 57 -1.70 -19.10 28.11
N ARG A 58 -1.89 -20.44 28.11
CA ARG A 58 -1.44 -21.25 29.24
CA ARG A 58 -1.44 -21.24 29.25
C ARG A 58 0.07 -21.14 29.44
N GLU A 59 0.84 -21.13 28.34
CA GLU A 59 2.29 -21.02 28.46
CA GLU A 59 2.29 -21.02 28.45
C GLU A 59 2.70 -19.64 28.96
N LEU A 60 2.10 -18.59 28.41
CA LEU A 60 2.51 -17.23 28.71
C LEU A 60 2.05 -16.76 30.07
N ALA A 61 0.98 -17.33 30.62
CA ALA A 61 0.52 -16.96 31.94
C ALA A 61 1.57 -17.21 33.01
N GLU A 62 2.56 -18.06 32.74
CA GLU A 62 3.65 -18.24 33.69
C GLU A 62 4.54 -17.00 33.81
N LEU A 63 4.45 -16.07 32.85
CA LEU A 63 5.29 -14.87 32.82
C LEU A 63 4.58 -13.62 33.31
N GLY A 64 3.25 -13.63 33.38
CA GLY A 64 2.53 -12.45 33.82
C GLY A 64 1.06 -12.56 33.46
N LYS A 65 0.37 -11.41 33.52
CA LYS A 65 -1.08 -11.35 33.28
C LYS A 65 -1.38 -11.36 31.79
N VAL A 66 -2.22 -12.31 31.35
CA VAL A 66 -2.55 -12.53 29.95
CA VAL A 66 -2.55 -12.46 29.95
C VAL A 66 -4.05 -12.74 29.80
N CYS A 67 -4.66 -12.10 28.81
CA CYS A 67 -6.06 -12.27 28.42
C CYS A 67 -6.10 -12.71 26.97
N ALA A 68 -6.60 -13.92 26.70
CA ALA A 68 -6.72 -14.44 25.34
C ALA A 68 -8.02 -13.95 24.73
N VAL A 69 -7.94 -13.33 23.55
CA VAL A 69 -9.11 -12.74 22.90
C VAL A 69 -9.20 -13.32 21.49
N THR A 70 -10.28 -14.07 21.20
CA THR A 70 -10.49 -14.60 19.86
C THR A 70 -11.11 -13.51 19.00
N VAL A 71 -10.46 -13.17 17.89
CA VAL A 71 -10.91 -12.07 17.04
C VAL A 71 -10.31 -12.22 15.66
N ASP A 72 -11.16 -11.99 14.65
CA ASP A 72 -10.74 -11.82 13.26
C ASP A 72 -10.58 -10.32 13.05
N GLN A 73 -9.32 -9.87 12.93
CA GLN A 73 -9.02 -8.45 12.81
C GLN A 73 -9.42 -7.85 11.45
N THR A 74 -10.08 -8.61 10.57
CA THR A 74 -10.73 -8.02 9.41
C THR A 74 -12.20 -7.68 9.64
N LYS A 75 -12.74 -7.89 10.85
CA LYS A 75 -14.17 -7.74 11.11
CA LYS A 75 -14.18 -7.75 11.12
C LYS A 75 -14.41 -6.71 12.21
N GLU A 76 -14.98 -5.56 11.83
CA GLU A 76 -15.25 -4.47 12.77
C GLU A 76 -15.97 -4.95 14.01
N ALA A 77 -16.99 -5.79 13.86
CA ALA A 77 -17.78 -6.15 15.04
C ALA A 77 -16.96 -6.99 16.01
N GLN A 78 -16.07 -7.84 15.48
CA GLN A 78 -15.23 -8.66 16.36
C GLN A 78 -14.16 -7.81 17.03
N ILE A 79 -13.64 -6.81 16.33
CA ILE A 79 -12.69 -5.89 16.94
C ILE A 79 -13.34 -5.12 18.08
N GLU A 80 -14.60 -4.68 17.88
CA GLU A 80 -15.28 -3.96 18.95
C GLU A 80 -15.44 -4.85 20.17
N ALA A 81 -15.86 -6.12 19.96
CA ALA A 81 -15.96 -7.05 21.08
C ALA A 81 -14.59 -7.28 21.74
N ALA A 82 -13.51 -7.31 20.95
CA ALA A 82 -12.17 -7.55 21.47
C ALA A 82 -11.67 -6.39 22.32
N VAL A 83 -11.92 -5.15 21.88
CA VAL A 83 -11.57 -3.99 22.68
C VAL A 83 -12.33 -4.01 23.99
N GLY A 84 -13.63 -4.31 23.94
CA GLY A 84 -14.41 -4.37 25.18
C GLY A 84 -13.88 -5.41 26.15
N LYS A 85 -13.59 -6.62 25.65
CA LYS A 85 -13.05 -7.67 26.52
CA LYS A 85 -13.05 -7.68 26.51
CA LYS A 85 -13.05 -7.67 26.52
C LYS A 85 -11.71 -7.26 27.11
N THR A 86 -10.87 -6.60 26.31
CA THR A 86 -9.56 -6.16 26.79
C THR A 86 -9.72 -5.12 27.89
N LEU A 87 -10.61 -4.14 27.69
CA LEU A 87 -10.83 -3.11 28.69
C LEU A 87 -11.45 -3.69 29.97
N ALA A 88 -12.37 -4.66 29.84
CA ALA A 88 -12.92 -5.31 31.02
C ALA A 88 -11.82 -6.00 31.82
N ALA A 89 -10.86 -6.62 31.13
CA ALA A 89 -9.80 -7.35 31.84
C ALA A 89 -8.79 -6.41 32.48
N PHE A 90 -8.39 -5.35 31.76
CA PHE A 90 -7.19 -4.61 32.13
C PHE A 90 -7.39 -3.10 32.24
N GLY A 91 -8.50 -2.54 31.76
CA GLY A 91 -8.82 -1.14 32.00
C GLY A 91 -8.19 -0.12 31.07
N ALA A 92 -7.35 -0.52 30.11
CA ALA A 92 -6.66 0.42 29.23
C ALA A 92 -6.13 -0.38 28.06
N ILE A 93 -5.75 0.34 27.01
CA ILE A 93 -4.90 -0.21 25.94
C ILE A 93 -3.81 0.83 25.70
N ASP A 94 -2.62 0.61 26.28
CA ASP A 94 -1.53 1.58 26.14
C ASP A 94 -0.72 1.38 24.87
N VAL A 95 -0.62 0.14 24.40
CA VAL A 95 0.29 -0.23 23.31
C VAL A 95 -0.47 -1.18 22.40
N LEU A 96 -0.39 -0.95 21.10
CA LEU A 96 -1.01 -1.83 20.11
C LEU A 96 0.08 -2.31 19.16
N ILE A 97 0.25 -3.62 19.06
CA ILE A 97 1.20 -4.26 18.15
C ILE A 97 0.38 -5.01 17.11
N ASN A 98 0.41 -4.53 15.86
CA ASN A 98 -0.33 -5.18 14.77
C ASN A 98 0.63 -6.16 14.09
N CYS A 99 0.43 -7.46 14.34
N CYS A 99 0.51 -7.45 14.36
CA CYS A 99 1.34 -8.51 13.88
CA CYS A 99 1.37 -8.43 13.67
C CYS A 99 0.59 -9.72 13.30
C CYS A 99 0.58 -9.69 13.31
N ALA A 100 -0.54 -9.49 12.66
CA ALA A 100 -1.42 -10.56 12.17
C ALA A 100 -1.27 -10.87 10.67
N GLY A 101 -0.17 -10.51 10.04
CA GLY A 101 -0.09 -10.62 8.58
C GLY A 101 -0.04 -12.05 8.04
N ILE A 102 -0.46 -12.22 6.76
CA ILE A 102 -0.36 -13.46 5.98
C ILE A 102 0.44 -13.20 4.70
N THR A 103 0.96 -14.27 4.09
CA THR A 103 1.74 -14.08 2.87
C THR A 103 0.92 -14.18 1.59
N GLY A 104 -0.07 -15.06 1.52
CA GLY A 104 -0.83 -15.22 0.30
C GLY A 104 -0.15 -16.06 -0.77
N GLY A 105 0.86 -16.84 -0.43
CA GLY A 105 1.55 -17.65 -1.41
C GLY A 105 2.37 -16.80 -2.37
N ASN A 106 2.83 -17.43 -3.44
CA ASN A 106 3.67 -16.75 -4.41
C ASN A 106 3.23 -17.06 -5.82
N GLY A 107 3.40 -16.07 -6.71
CA GLY A 107 3.08 -16.20 -8.12
C GLY A 107 3.22 -14.83 -8.76
N THR A 108 3.28 -14.77 -10.08
CA THR A 108 3.41 -13.48 -10.73
C THR A 108 2.13 -12.68 -10.57
N THR A 109 2.23 -11.37 -10.81
CA THR A 109 1.09 -10.48 -10.61
C THR A 109 -0.11 -10.92 -11.43
N TRP A 110 0.14 -11.39 -12.67
CA TRP A 110 -0.95 -11.73 -13.57
C TRP A 110 -1.44 -13.17 -13.42
N GLU A 111 -0.76 -14.00 -12.61
CA GLU A 111 -1.18 -15.37 -12.40
C GLU A 111 -1.77 -15.63 -11.02
N LEU A 112 -1.51 -14.79 -10.04
CA LEU A 112 -2.16 -14.95 -8.75
C LEU A 112 -3.68 -14.87 -8.91
N GLU A 113 -4.39 -15.54 -8.04
CA GLU A 113 -5.85 -15.47 -8.08
C GLU A 113 -6.33 -14.13 -7.51
N PRO A 114 -7.23 -13.41 -8.19
CA PRO A 114 -7.71 -12.14 -7.62
C PRO A 114 -8.31 -12.25 -6.24
N ASP A 115 -9.00 -13.34 -5.91
CA ASP A 115 -9.55 -13.41 -4.56
CA ASP A 115 -9.55 -13.45 -4.56
C ASP A 115 -8.44 -13.55 -3.51
N VAL A 116 -7.31 -14.18 -3.84
CA VAL A 116 -6.18 -14.23 -2.92
C VAL A 116 -5.50 -12.86 -2.83
N TRP A 117 -5.36 -12.16 -3.96
CA TRP A 117 -4.84 -10.80 -3.95
C TRP A 117 -5.67 -9.92 -3.02
N ARG A 118 -6.99 -9.99 -3.15
CA ARG A 118 -7.88 -9.21 -2.28
C ARG A 118 -7.77 -9.63 -0.82
N GLN A 119 -7.67 -10.96 -0.57
CA GLN A 119 -7.57 -11.43 0.80
C GLN A 119 -6.32 -10.89 1.49
N VAL A 120 -5.18 -10.87 0.78
CA VAL A 120 -3.95 -10.33 1.37
C VAL A 120 -4.09 -8.85 1.70
N ILE A 121 -4.70 -8.07 0.79
CA ILE A 121 -4.95 -6.66 1.10
C ILE A 121 -5.86 -6.53 2.32
N ASP A 122 -6.92 -7.34 2.40
CA ASP A 122 -7.86 -7.29 3.51
C ASP A 122 -7.15 -7.58 4.84
N VAL A 123 -6.43 -8.70 4.91
CA VAL A 123 -5.80 -9.10 6.17
C VAL A 123 -4.67 -8.16 6.55
N ASN A 124 -3.85 -7.75 5.58
CA ASN A 124 -2.58 -7.09 5.89
C ASN A 124 -2.67 -5.57 5.94
N LEU A 125 -3.69 -4.98 5.30
CA LEU A 125 -3.85 -3.54 5.24
C LEU A 125 -5.18 -3.09 5.85
N ILE A 126 -6.30 -3.64 5.38
CA ILE A 126 -7.58 -3.24 5.98
C ILE A 126 -7.62 -3.59 7.47
N GLY A 127 -7.14 -4.78 7.84
CA GLY A 127 -7.22 -5.22 9.23
C GLY A 127 -6.51 -4.26 10.18
N PRO A 128 -5.23 -3.96 9.95
CA PRO A 128 -4.57 -2.98 10.85
C PRO A 128 -5.27 -1.63 10.87
N TYR A 129 -5.80 -1.17 9.73
CA TYR A 129 -6.61 0.04 9.72
C TYR A 129 -7.80 -0.08 10.68
N LEU A 130 -8.55 -1.18 10.58
CA LEU A 130 -9.73 -1.36 11.44
C LEU A 130 -9.34 -1.43 12.93
N VAL A 131 -8.21 -2.07 13.26
CA VAL A 131 -7.81 -2.15 14.65
C VAL A 131 -7.40 -0.78 15.16
N CYS A 132 -6.62 -0.03 14.35
CA CYS A 132 -6.27 1.33 14.74
C CYS A 132 -7.48 2.22 14.91
N ARG A 133 -8.49 2.11 14.02
CA ARG A 133 -9.62 3.01 14.18
CA ARG A 133 -9.70 2.91 14.11
C ARG A 133 -10.39 2.72 15.46
N ALA A 134 -10.39 1.47 15.96
CA ALA A 134 -11.05 1.18 17.24
C ALA A 134 -10.19 1.58 18.43
N VAL A 135 -8.87 1.39 18.33
CA VAL A 135 -8.00 1.57 19.49
C VAL A 135 -7.62 3.04 19.70
N VAL A 136 -7.41 3.81 18.62
CA VAL A 136 -6.98 5.20 18.77
C VAL A 136 -7.92 6.00 19.67
N PRO A 137 -9.26 5.90 19.54
CA PRO A 137 -10.13 6.65 20.46
C PRO A 137 -9.88 6.33 21.92
N GLN A 138 -9.57 5.07 22.25
CA GLN A 138 -9.21 4.72 23.63
C GLN A 138 -7.90 5.38 24.06
N MET A 139 -6.89 5.36 23.18
CA MET A 139 -5.63 6.02 23.49
C MET A 139 -5.83 7.53 23.66
N LEU A 140 -6.72 8.14 22.86
CA LEU A 140 -7.02 9.56 23.05
C LEU A 140 -7.66 9.83 24.40
N LYS A 141 -8.56 8.95 24.87
CA LYS A 141 -9.14 9.09 26.21
C LYS A 141 -8.07 9.01 27.28
N GLN A 142 -7.07 8.14 27.10
CA GLN A 142 -5.95 7.98 28.04
C GLN A 142 -4.96 9.13 27.99
N GLY A 143 -4.87 9.84 26.88
CA GLY A 143 -3.79 10.78 26.71
C GLY A 143 -2.42 10.17 26.48
N TYR A 144 -2.35 8.90 26.05
CA TYR A 144 -1.09 8.20 25.82
C TYR A 144 -1.34 6.98 24.95
N GLY A 145 -0.41 6.71 24.05
CA GLY A 145 -0.39 5.40 23.41
C GLY A 145 0.86 5.23 22.57
N ARG A 146 1.12 3.97 22.21
CA ARG A 146 2.14 3.62 21.22
C ARG A 146 1.55 2.57 20.30
N ILE A 147 1.73 2.75 19.00
CA ILE A 147 1.26 1.80 18.00
C ILE A 147 2.47 1.37 17.18
N VAL A 148 2.62 0.05 17.01
CA VAL A 148 3.71 -0.51 16.20
C VAL A 148 3.09 -1.45 15.17
N ASN A 149 3.28 -1.12 13.88
CA ASN A 149 2.77 -1.92 12.77
C ASN A 149 3.88 -2.79 12.20
N ILE A 150 3.70 -4.10 12.21
CA ILE A 150 4.73 -4.98 11.67
C ILE A 150 4.50 -5.08 10.16
N ALA A 151 5.37 -4.46 9.39
CA ALA A 151 5.31 -4.47 7.93
C ALA A 151 6.27 -5.54 7.41
N SER A 152 7.11 -5.26 6.41
CA SER A 152 8.05 -6.21 5.85
C SER A 152 9.00 -5.42 4.97
N VAL A 153 10.22 -5.93 4.81
CA VAL A 153 11.10 -5.40 3.76
C VAL A 153 10.43 -5.44 2.39
N ALA A 154 9.50 -6.39 2.17
CA ALA A 154 8.78 -6.44 0.90
C ALA A 154 7.99 -5.15 0.66
N GLY A 155 7.54 -4.48 1.72
CA GLY A 155 6.83 -3.22 1.55
C GLY A 155 7.72 -2.07 1.12
N LYS A 156 9.01 -2.15 1.43
CA LYS A 156 9.97 -1.18 0.91
C LYS A 156 10.40 -1.51 -0.51
N GLU A 157 10.44 -2.79 -0.88
CA GLU A 157 11.20 -3.21 -2.06
C GLU A 157 10.38 -3.74 -3.22
N GLY A 158 9.19 -4.28 -2.97
CA GLY A 158 8.39 -4.89 -4.03
C GLY A 158 9.00 -6.20 -4.51
N ASN A 159 8.84 -7.26 -3.74
CA ASN A 159 9.48 -8.51 -4.13
C ASN A 159 8.76 -9.12 -5.33
N PRO A 160 9.49 -9.63 -6.32
CA PRO A 160 8.82 -10.33 -7.42
C PRO A 160 8.16 -11.59 -6.90
N ASN A 161 7.02 -11.91 -7.49
CA ASN A 161 6.20 -13.07 -7.13
C ASN A 161 5.50 -12.89 -5.79
N ALA A 162 5.47 -11.67 -5.27
CA ALA A 162 4.77 -11.33 -4.03
C ALA A 162 4.16 -9.94 -4.12
N SER A 163 3.50 -9.65 -5.25
CA SER A 163 2.97 -8.31 -5.49
C SER A 163 1.88 -7.93 -4.49
N HIS A 164 0.99 -8.86 -4.14
CA HIS A 164 -0.05 -8.58 -3.14
C HIS A 164 0.55 -8.35 -1.76
N TYR A 165 1.45 -9.22 -1.33
CA TYR A 165 2.09 -9.05 -0.03
C TYR A 165 2.84 -7.71 0.01
N SER A 166 3.61 -7.43 -1.03
CA SER A 166 4.41 -6.21 -1.08
C SER A 166 3.53 -4.96 -1.11
N ALA A 167 2.48 -4.97 -1.93
CA ALA A 167 1.57 -3.82 -1.97
C ALA A 167 0.88 -3.65 -0.63
N SER A 168 0.48 -4.75 0.03
CA SER A 168 -0.21 -4.60 1.30
C SER A 168 0.70 -4.00 2.37
N LYS A 169 1.96 -4.40 2.36
CA LYS A 169 2.91 -3.91 3.37
C LYS A 169 3.37 -2.49 3.05
N ALA A 170 3.49 -2.14 1.76
CA ALA A 170 3.76 -0.76 1.38
C ALA A 170 2.59 0.12 1.79
N GLY A 171 1.35 -0.35 1.58
CA GLY A 171 0.19 0.40 2.03
C GLY A 171 0.15 0.57 3.53
N LEU A 172 0.56 -0.45 4.29
CA LEU A 172 0.61 -0.36 5.74
C LEU A 172 1.61 0.70 6.20
N ILE A 173 2.74 0.80 5.50
CA ILE A 173 3.71 1.86 5.78
C ILE A 173 3.10 3.24 5.49
N GLY A 174 2.36 3.38 4.37
CA GLY A 174 1.69 4.65 4.11
C GLY A 174 0.68 5.04 5.19
N LEU A 175 -0.14 4.07 5.62
CA LEU A 175 -1.07 4.29 6.73
C LEU A 175 -0.32 4.75 7.97
N THR A 176 0.81 4.12 8.28
CA THR A 176 1.59 4.48 9.46
C THR A 176 2.02 5.94 9.40
N LYS A 177 2.48 6.38 8.24
CA LYS A 177 2.93 7.76 8.07
C LYS A 177 1.79 8.76 8.26
N SER A 178 0.62 8.48 7.67
CA SER A 178 -0.52 9.38 7.86
C SER A 178 -0.97 9.42 9.31
N LEU A 179 -1.15 8.25 9.92
CA LEU A 179 -1.69 8.20 11.27
C LEU A 179 -0.72 8.81 12.28
N GLY A 180 0.59 8.58 12.11
CA GLY A 180 1.53 9.23 12.99
C GLY A 180 1.44 10.74 12.94
N LYS A 181 1.33 11.30 11.73
CA LYS A 181 1.21 12.77 11.67
C LYS A 181 -0.11 13.27 12.24
N GLU A 182 -1.21 12.51 12.08
CA GLU A 182 -2.49 12.94 12.66
C GLU A 182 -2.43 12.98 14.18
N LEU A 183 -1.57 12.17 14.79
CA LEU A 183 -1.52 12.02 16.25
C LEU A 183 -0.29 12.67 16.87
N ALA A 184 0.48 13.43 16.09
CA ALA A 184 1.80 13.89 16.54
C ALA A 184 1.76 14.84 17.72
N THR A 185 0.65 15.55 17.94
CA THR A 185 0.50 16.42 19.11
C THR A 185 -0.43 15.83 20.16
N LYS A 186 -0.74 14.53 20.07
CA LYS A 186 -1.69 13.86 20.94
C LYS A 186 -1.04 12.82 21.84
N ASN A 187 0.28 12.73 21.84
CA ASN A 187 1.00 11.85 22.76
C ASN A 187 0.78 10.37 22.43
N ILE A 188 0.51 10.07 21.15
CA ILE A 188 0.34 8.71 20.66
C ILE A 188 1.26 8.60 19.47
N LEU A 189 2.35 7.84 19.61
CA LEU A 189 3.34 7.70 18.54
C LEU A 189 3.12 6.40 17.80
N VAL A 190 3.33 6.44 16.49
CA VAL A 190 2.89 5.38 15.57
C VAL A 190 4.02 5.09 14.60
N ASN A 191 4.55 3.86 14.61
CA ASN A 191 5.70 3.54 13.77
C ASN A 191 5.53 2.14 13.20
N ALA A 192 6.34 1.84 12.18
CA ALA A 192 6.34 0.54 11.53
C ALA A 192 7.72 -0.09 11.63
N VAL A 193 7.78 -1.43 11.63
N VAL A 193 7.74 -1.39 11.46
CA VAL A 193 9.04 -2.15 11.45
CA VAL A 193 8.97 -2.16 11.43
C VAL A 193 9.00 -2.91 10.14
C VAL A 193 8.99 -2.98 10.14
N THR A 194 10.19 -3.12 9.55
CA THR A 194 10.34 -3.88 8.30
C THR A 194 11.28 -5.06 8.47
N PRO A 195 10.76 -6.21 8.92
CA PRO A 195 11.60 -7.41 9.01
CA PRO A 195 11.59 -7.42 9.00
C PRO A 195 11.92 -7.98 7.63
N ALA A 196 13.07 -8.63 7.51
N ALA A 196 13.10 -8.57 7.55
CA ALA A 196 13.37 -9.46 6.34
CA ALA A 196 13.41 -9.52 6.51
C ALA A 196 13.56 -10.89 6.79
C ALA A 196 12.68 -10.81 6.83
N ALA A 197 12.97 -11.81 6.02
CA ALA A 197 12.69 -13.21 6.33
C ALA A 197 12.96 -13.55 7.79
N ALA A 198 11.90 -13.80 8.52
CA ALA A 198 11.99 -14.10 9.93
C ALA A 198 11.79 -15.60 10.09
N LYS A 199 12.52 -16.20 11.02
CA LYS A 199 12.43 -17.63 11.22
C LYS A 199 11.29 -17.93 12.19
N THR A 200 10.07 -17.77 11.67
CA THR A 200 8.89 -18.12 12.45
C THR A 200 8.44 -19.55 12.20
N GLU A 201 8.97 -20.23 11.20
CA GLU A 201 8.52 -21.55 10.81
C GLU A 201 9.71 -22.26 10.17
N ILE A 202 9.87 -23.55 10.46
CA ILE A 202 10.91 -24.34 9.80
C ILE A 202 10.40 -24.71 8.42
N PHE A 203 11.13 -24.30 7.38
CA PHE A 203 10.65 -24.47 6.02
C PHE A 203 10.78 -25.94 5.56
N ASP A 204 10.17 -26.23 4.41
CA ASP A 204 10.18 -27.58 3.86
C ASP A 204 11.60 -28.04 3.59
N SER A 205 11.87 -29.31 3.91
CA SER A 205 13.21 -29.89 3.76
C SER A 205 13.70 -29.88 2.33
N MET A 206 12.84 -29.62 1.35
CA MET A 206 13.21 -29.68 -0.06
C MET A 206 13.52 -28.31 -0.65
N LYS A 207 13.45 -27.24 0.14
CA LYS A 207 13.58 -25.88 -0.36
C LYS A 207 14.92 -25.24 -0.01
N GLN A 208 15.97 -26.04 0.17
CA GLN A 208 17.26 -25.49 0.56
C GLN A 208 17.80 -24.53 -0.50
N GLU A 209 17.56 -24.82 -1.79
CA GLU A 209 17.99 -23.91 -2.84
C GLU A 209 17.33 -22.54 -2.68
N HIS A 210 16.03 -22.52 -2.42
CA HIS A 210 15.31 -21.26 -2.20
C HIS A 210 15.77 -20.59 -0.91
N ILE A 211 16.07 -21.36 0.13
CA ILE A 211 16.60 -20.79 1.36
C ILE A 211 17.94 -20.11 1.09
N ASP A 212 18.82 -20.77 0.34
CA ASP A 212 20.09 -20.17 -0.05
C ASP A 212 19.85 -18.87 -0.81
N TYR A 213 18.86 -18.83 -1.69
CA TYR A 213 18.58 -17.62 -2.45
C TYR A 213 18.14 -16.48 -1.53
N MET A 214 17.20 -16.75 -0.63
CA MET A 214 16.76 -15.72 0.30
C MET A 214 17.92 -15.20 1.14
N LEU A 215 18.78 -16.11 1.63
CA LEU A 215 19.90 -15.67 2.47
C LEU A 215 20.90 -14.86 1.67
N SER A 216 20.99 -15.09 0.36
CA SER A 216 21.92 -14.34 -0.48
C SER A 216 21.56 -12.86 -0.54
N LYS A 217 20.32 -12.50 -0.23
CA LYS A 217 19.94 -11.09 -0.21
C LYS A 217 20.13 -10.42 1.13
N ILE A 218 20.54 -11.16 2.16
CA ILE A 218 20.68 -10.66 3.52
CA ILE A 218 20.68 -10.64 3.52
C ILE A 218 22.17 -10.58 3.84
N PRO A 219 22.76 -9.38 3.95
CA PRO A 219 24.19 -9.29 4.25
C PRO A 219 24.59 -10.02 5.54
N MET A 220 23.74 -10.03 6.56
CA MET A 220 24.07 -10.76 7.78
C MET A 220 24.01 -12.28 7.61
N ASN A 221 23.49 -12.79 6.49
CA ASN A 221 23.63 -14.19 6.11
C ASN A 221 22.97 -15.16 7.08
N ARG A 222 21.82 -14.76 7.62
CA ARG A 222 20.99 -15.62 8.47
C ARG A 222 19.61 -15.00 8.54
N PHE A 223 18.65 -15.74 9.09
CA PHE A 223 17.32 -15.17 9.23
C PHE A 223 17.15 -14.41 10.55
N LEU A 224 16.21 -13.47 10.55
CA LEU A 224 15.82 -12.76 11.75
C LEU A 224 15.17 -13.70 12.77
N LEU A 225 15.59 -13.57 14.04
CA LEU A 225 14.89 -14.33 15.08
C LEU A 225 13.72 -13.53 15.67
N PRO A 226 12.60 -14.18 15.95
CA PRO A 226 11.48 -13.44 16.56
C PRO A 226 11.84 -12.66 17.82
N ASP A 227 12.70 -13.20 18.69
CA ASP A 227 13.07 -12.49 19.92
CA ASP A 227 13.04 -12.47 19.92
C ASP A 227 13.86 -11.21 19.62
N GLU A 228 14.67 -11.22 18.54
CA GLU A 228 15.37 -10.02 18.13
C GLU A 228 14.39 -8.98 17.62
N ALA A 229 13.38 -9.41 16.86
CA ALA A 229 12.36 -8.47 16.42
C ALA A 229 11.66 -7.84 17.60
N ALA A 230 11.35 -8.66 18.63
CA ALA A 230 10.60 -8.17 19.78
C ALA A 230 11.37 -7.09 20.54
N SER A 231 12.70 -7.15 20.56
CA SER A 231 13.50 -6.10 21.23
C SER A 231 13.20 -4.73 20.65
N LEU A 232 13.18 -4.62 19.32
CA LEU A 232 12.93 -3.32 18.69
C LEU A 232 11.45 -2.96 18.71
N ILE A 233 10.57 -3.93 18.46
CA ILE A 233 9.14 -3.67 18.46
C ILE A 233 8.71 -3.09 19.80
N LEU A 234 9.19 -3.67 20.92
CA LEU A 234 8.77 -3.14 22.22
C LEU A 234 9.52 -1.88 22.63
N TRP A 235 10.71 -1.62 22.08
CA TRP A 235 11.30 -0.31 22.25
C TRP A 235 10.37 0.77 21.69
N LEU A 236 9.83 0.52 20.49
CA LEU A 236 8.87 1.43 19.85
C LEU A 236 7.55 1.49 20.60
N GLY A 237 7.28 0.49 21.44
CA GLY A 237 6.12 0.49 22.31
C GLY A 237 6.34 1.10 23.68
N SER A 238 7.50 1.72 23.93
CA SER A 238 7.88 2.22 25.23
C SER A 238 7.97 3.74 25.24
N GLU A 239 8.00 4.31 26.45
CA GLU A 239 8.12 5.76 26.59
C GLU A 239 9.43 6.31 26.04
N ASP A 240 10.49 5.50 26.00
CA ASP A 240 11.76 5.96 25.45
CA ASP A 240 11.74 6.02 25.46
C ASP A 240 11.65 6.32 23.97
N CYS A 241 10.72 5.70 23.25
CA CYS A 241 10.39 6.14 21.90
C CYS A 241 9.59 7.41 22.06
N ALA A 242 10.22 8.55 21.84
CA ALA A 242 9.71 9.84 22.27
C ALA A 242 9.67 10.88 21.18
N PHE A 243 10.43 10.74 20.09
CA PHE A 243 10.51 11.76 19.06
C PHE A 243 10.62 11.11 17.69
N SER A 244 10.01 9.93 17.55
CA SER A 244 9.95 9.20 16.30
C SER A 244 8.50 8.83 16.08
N THR A 245 7.91 9.29 14.97
CA THR A 245 6.53 8.94 14.67
C THR A 245 6.32 9.00 13.18
N GLY A 246 5.36 8.22 12.69
CA GLY A 246 5.20 8.06 11.24
C GLY A 246 6.46 7.56 10.58
N SER A 247 7.27 6.77 11.28
CA SER A 247 8.57 6.36 10.80
CA SER A 247 8.58 6.34 10.83
C SER A 247 8.64 4.84 10.65
N VAL A 248 9.72 4.39 10.01
CA VAL A 248 9.93 2.99 9.65
C VAL A 248 11.28 2.55 10.20
N PHE A 249 11.27 1.51 11.04
CA PHE A 249 12.47 0.98 11.71
C PHE A 249 12.82 -0.37 11.11
N ASP A 250 14.05 -0.53 10.64
CA ASP A 250 14.38 -1.67 9.80
C ASP A 250 14.87 -2.88 10.62
N LEU A 251 14.50 -4.06 10.16
CA LEU A 251 14.91 -5.35 10.74
C LEU A 251 15.29 -6.32 9.62
N SER A 252 16.08 -5.85 8.65
CA SER A 252 16.37 -6.62 7.45
C SER A 252 17.78 -7.16 7.38
N GLY A 253 18.57 -7.07 8.45
CA GLY A 253 19.88 -7.71 8.44
C GLY A 253 20.84 -7.10 7.44
N GLY A 254 20.71 -5.79 7.18
CA GLY A 254 21.55 -5.10 6.24
C GLY A 254 21.02 -5.04 4.83
N ARG A 255 19.88 -5.68 4.54
CA ARG A 255 19.42 -5.73 3.16
C ARG A 255 18.89 -4.39 2.66
N ALA A 256 18.01 -3.76 3.43
CA ALA A 256 17.33 -2.57 2.94
C ALA A 256 18.31 -1.43 2.70
N THR A 257 18.04 -0.64 1.67
CA THR A 257 18.89 0.49 1.30
C THR A 257 18.27 1.83 1.65
N TYR A 258 17.17 1.86 2.35
N TYR A 258 17.09 1.81 2.30
CA TYR A 258 16.76 3.10 2.96
CA TYR A 258 16.37 2.95 2.91
C TYR A 258 16.02 2.71 4.20
C TYR A 258 15.38 2.39 3.94
N HIS B 8 8.30 24.72 -27.53
CA HIS B 8 9.51 23.91 -27.53
C HIS B 8 9.31 22.60 -26.77
N MET B 9 8.31 21.81 -27.16
CA MET B 9 8.11 20.53 -26.50
C MET B 9 8.84 19.42 -27.25
N ASN B 10 9.27 18.43 -26.49
CA ASN B 10 9.92 17.29 -27.11
C ASN B 10 8.91 16.51 -27.94
N ARG B 11 9.38 15.93 -29.03
CA ARG B 11 8.52 15.09 -29.87
C ARG B 11 8.69 13.64 -29.46
N ILE B 12 7.78 13.17 -28.62
CA ILE B 12 7.82 11.78 -28.18
C ILE B 12 7.38 10.91 -29.34
N ASP B 13 8.12 9.85 -29.60
CA ASP B 13 7.79 8.97 -30.70
C ASP B 13 6.94 7.82 -30.19
N LEU B 14 5.62 7.90 -30.42
CA LEU B 14 4.69 6.80 -30.16
C LEU B 14 4.06 6.32 -31.46
N GLU B 15 4.71 6.56 -32.59
CA GLU B 15 4.11 6.20 -33.86
C GLU B 15 3.86 4.70 -33.94
N GLY B 16 2.66 4.33 -34.38
CA GLY B 16 2.33 2.93 -34.51
C GLY B 16 1.93 2.23 -33.21
N ARG B 17 2.04 2.89 -32.06
CA ARG B 17 1.74 2.28 -30.78
C ARG B 17 0.30 2.57 -30.35
N VAL B 18 -0.24 1.67 -29.53
CA VAL B 18 -1.59 1.80 -28.96
C VAL B 18 -1.46 2.04 -27.47
N VAL B 19 -2.10 3.10 -26.97
CA VAL B 19 -2.01 3.52 -25.57
C VAL B 19 -3.40 3.43 -24.94
N VAL B 20 -3.53 2.62 -23.90
CA VAL B 20 -4.73 2.57 -23.06
C VAL B 20 -4.54 3.55 -21.92
N ILE B 21 -5.51 4.43 -21.69
CA ILE B 21 -5.45 5.40 -20.60
C ILE B 21 -6.71 5.22 -19.76
N THR B 22 -6.56 4.74 -18.53
CA THR B 22 -7.71 4.71 -17.62
C THR B 22 -7.86 6.10 -16.99
N GLY B 23 -9.09 6.48 -16.65
CA GLY B 23 -9.32 7.86 -16.24
C GLY B 23 -9.12 8.85 -17.36
N GLY B 24 -9.27 8.43 -18.63
CA GLY B 24 -8.97 9.31 -19.74
C GLY B 24 -9.99 10.39 -20.05
N ALA B 25 -11.15 10.39 -19.38
CA ALA B 25 -12.17 11.38 -19.74
C ALA B 25 -11.81 12.79 -19.30
N ARG B 26 -11.02 12.94 -18.24
N ARG B 26 -11.00 12.94 -18.25
CA ARG B 26 -10.77 14.28 -17.69
CA ARG B 26 -10.77 14.24 -17.64
C ARG B 26 -9.40 14.33 -17.03
C ARG B 26 -9.36 14.33 -17.07
N GLY B 27 -8.99 15.54 -16.68
CA GLY B 27 -7.84 15.73 -15.82
C GLY B 27 -6.53 15.29 -16.46
N ILE B 28 -5.67 14.65 -15.65
CA ILE B 28 -4.36 14.22 -16.15
C ILE B 28 -4.52 13.21 -17.28
N GLY B 29 -5.45 12.26 -17.12
CA GLY B 29 -5.63 11.26 -18.18
C GLY B 29 -5.98 11.87 -19.52
N TYR B 30 -6.84 12.90 -19.51
CA TYR B 30 -7.19 13.59 -20.75
C TYR B 30 -5.99 14.30 -21.37
N ALA B 31 -5.16 14.95 -20.53
CA ALA B 31 -3.96 15.59 -21.05
C ALA B 31 -2.97 14.56 -21.61
N VAL B 32 -2.87 13.40 -20.97
CA VAL B 32 -2.06 12.31 -21.52
C VAL B 32 -2.60 11.89 -22.88
N ALA B 33 -3.93 11.77 -23.02
CA ALA B 33 -4.50 11.40 -24.32
C ALA B 33 -4.14 12.42 -25.40
N GLN B 34 -4.26 13.71 -25.08
CA GLN B 34 -3.92 14.73 -26.08
C GLN B 34 -2.49 14.58 -26.55
N ARG B 35 -1.56 14.46 -25.60
CA ARG B 35 -0.15 14.37 -25.95
C ARG B 35 0.14 13.07 -26.69
N ALA B 36 -0.51 11.97 -26.30
CA ALA B 36 -0.28 10.71 -26.98
C ALA B 36 -0.72 10.77 -28.44
N LEU B 37 -1.90 11.36 -28.69
CA LEU B 37 -2.38 11.51 -30.07
C LEU B 37 -1.42 12.39 -30.88
N ARG B 38 -0.92 13.47 -30.27
CA ARG B 38 0.03 14.35 -30.95
C ARG B 38 1.38 13.67 -31.16
N SER B 39 1.62 12.54 -30.51
CA SER B 39 2.85 11.76 -30.62
C SER B 39 2.70 10.60 -31.59
N GLY B 40 1.55 10.48 -32.26
CA GLY B 40 1.33 9.44 -33.22
C GLY B 40 0.67 8.17 -32.71
N ALA B 41 0.28 8.11 -31.43
CA ALA B 41 -0.36 6.92 -30.91
C ALA B 41 -1.85 6.86 -31.28
N ALA B 42 -2.38 5.65 -31.33
CA ALA B 42 -3.82 5.43 -31.21
C ALA B 42 -4.13 5.29 -29.73
N VAL B 43 -5.23 5.90 -29.28
CA VAL B 43 -5.58 5.93 -27.86
C VAL B 43 -6.90 5.24 -27.62
N ALA B 44 -6.91 4.30 -26.67
CA ALA B 44 -8.13 3.73 -26.13
C ALA B 44 -8.36 4.41 -24.78
N LEU B 45 -9.45 5.17 -24.71
CA LEU B 45 -9.79 6.00 -23.55
CA LEU B 45 -9.79 6.01 -23.57
C LEU B 45 -10.76 5.22 -22.68
N TRP B 46 -10.30 4.76 -21.52
CA TRP B 46 -11.10 3.97 -20.60
C TRP B 46 -11.57 4.82 -19.44
N ASP B 47 -12.86 4.79 -19.13
CA ASP B 47 -13.33 5.60 -18.01
C ASP B 47 -14.67 5.07 -17.54
N LEU B 48 -14.98 5.37 -16.28
CA LEU B 48 -16.24 4.98 -15.66
C LEU B 48 -17.40 5.85 -16.12
N ASP B 49 -17.11 7.12 -16.42
CA ASP B 49 -18.13 8.14 -16.68
C ASP B 49 -18.47 8.11 -18.17
N ALA B 50 -19.52 7.37 -18.50
CA ALA B 50 -19.86 7.12 -19.91
C ALA B 50 -20.24 8.41 -20.64
N GLU B 51 -20.94 9.32 -19.97
CA GLU B 51 -21.37 10.56 -20.62
C GLU B 51 -20.18 11.49 -20.88
N ARG B 52 -19.35 11.71 -19.86
CA ARG B 52 -18.20 12.57 -20.07
C ARG B 52 -17.24 11.96 -21.08
N LEU B 53 -17.09 10.64 -21.03
CA LEU B 53 -16.22 9.96 -21.98
C LEU B 53 -16.63 10.22 -23.42
N ALA B 54 -17.94 10.25 -23.72
CA ALA B 54 -18.39 10.53 -25.07
C ALA B 54 -17.96 11.92 -25.53
N ARG B 55 -18.08 12.92 -24.65
CA ARG B 55 -17.64 14.26 -25.03
CA ARG B 55 -17.64 14.27 -25.01
C ARG B 55 -16.14 14.32 -25.23
N SER B 56 -15.38 13.67 -24.35
CA SER B 56 -13.92 13.67 -24.49
C SER B 56 -13.49 12.97 -25.77
N GLU B 57 -14.14 11.85 -26.11
CA GLU B 57 -13.84 11.16 -27.36
C GLU B 57 -14.00 12.07 -28.55
N ARG B 58 -15.12 12.79 -28.63
CA ARG B 58 -15.33 13.61 -29.81
CA ARG B 58 -15.35 13.63 -29.80
C ARG B 58 -14.37 14.80 -29.86
N GLU B 59 -13.96 15.34 -28.70
CA GLU B 59 -12.94 16.38 -28.68
C GLU B 59 -11.59 15.83 -29.15
N LEU B 60 -11.18 14.69 -28.63
CA LEU B 60 -9.86 14.14 -28.91
C LEU B 60 -9.75 13.55 -30.31
N ALA B 61 -10.85 13.12 -30.90
CA ALA B 61 -10.81 12.57 -32.26
C ALA B 61 -10.26 13.56 -33.26
N GLU B 62 -10.33 14.87 -32.99
CA GLU B 62 -9.71 15.86 -33.86
C GLU B 62 -8.18 15.71 -33.91
N LEU B 63 -7.57 14.99 -32.98
CA LEU B 63 -6.11 14.87 -32.90
C LEU B 63 -5.58 13.54 -33.40
N GLY B 64 -6.43 12.54 -33.58
CA GLY B 64 -5.94 11.23 -33.98
C GLY B 64 -7.00 10.17 -33.71
N LYS B 65 -6.55 8.93 -33.79
CA LYS B 65 -7.45 7.77 -33.65
C LYS B 65 -7.74 7.49 -32.18
N VAL B 66 -9.02 7.47 -31.82
CA VAL B 66 -9.47 7.31 -30.44
CA VAL B 66 -9.44 7.27 -30.44
C VAL B 66 -10.61 6.30 -30.40
N CYS B 67 -10.59 5.41 -29.41
CA CYS B 67 -11.68 4.46 -29.15
CA CYS B 67 -11.73 4.55 -29.16
C CYS B 67 -12.05 4.60 -27.68
N ALA B 68 -13.26 5.02 -27.37
CA ALA B 68 -13.66 5.19 -25.99
C ALA B 68 -14.29 3.89 -25.48
N VAL B 69 -13.98 3.56 -24.22
CA VAL B 69 -14.43 2.31 -23.60
C VAL B 69 -14.94 2.63 -22.21
N THR B 70 -16.22 2.36 -21.95
CA THR B 70 -16.77 2.50 -20.61
C THR B 70 -16.40 1.28 -19.79
N VAL B 71 -15.78 1.51 -18.63
CA VAL B 71 -15.29 0.40 -17.81
C VAL B 71 -15.09 0.88 -16.39
N ASP B 72 -15.59 0.09 -15.44
CA ASP B 72 -15.28 0.23 -14.02
C ASP B 72 -14.09 -0.66 -13.76
N GLN B 73 -12.94 -0.06 -13.43
N GLN B 73 -12.94 -0.06 -13.43
N GLN B 73 -12.94 -0.04 -13.52
CA GLN B 73 -11.70 -0.83 -13.26
CA GLN B 73 -11.69 -0.82 -13.25
CA GLN B 73 -11.72 -0.81 -13.35
C GLN B 73 -11.67 -1.65 -11.98
C GLN B 73 -11.69 -1.67 -11.99
C GLN B 73 -11.63 -1.55 -11.97
N THR B 74 -12.70 -1.58 -11.15
CA THR B 74 -12.80 -2.48 -10.02
C THR B 74 -13.49 -3.79 -10.39
N LYS B 75 -13.91 -3.97 -11.66
CA LYS B 75 -14.72 -5.13 -12.05
CA LYS B 75 -14.70 -5.13 -12.05
C LYS B 75 -13.98 -5.89 -13.16
N GLU B 76 -13.45 -7.06 -12.81
CA GLU B 76 -12.71 -7.90 -13.74
C GLU B 76 -13.46 -8.11 -15.05
N ALA B 77 -14.76 -8.39 -14.98
CA ALA B 77 -15.49 -8.70 -16.22
C ALA B 77 -15.53 -7.49 -17.15
N GLN B 78 -15.65 -6.29 -16.59
CA GLN B 78 -15.66 -5.10 -17.43
C GLN B 78 -14.28 -4.82 -18.02
N ILE B 79 -13.22 -5.10 -17.27
CA ILE B 79 -11.86 -4.97 -17.80
C ILE B 79 -11.62 -5.95 -18.94
N GLU B 80 -12.08 -7.20 -18.78
CA GLU B 80 -11.95 -8.16 -19.85
C GLU B 80 -12.63 -7.68 -21.13
N ALA B 81 -13.84 -7.14 -20.99
CA ALA B 81 -14.55 -6.62 -22.16
C ALA B 81 -13.82 -5.41 -22.74
N ALA B 82 -13.19 -4.60 -21.89
CA ALA B 82 -12.45 -3.43 -22.37
C ALA B 82 -11.21 -3.82 -23.16
N VAL B 83 -10.49 -4.84 -22.68
CA VAL B 83 -9.36 -5.36 -23.47
C VAL B 83 -9.86 -5.85 -24.82
N GLY B 84 -10.96 -6.60 -24.84
CA GLY B 84 -11.49 -7.10 -26.09
C GLY B 84 -11.86 -5.98 -27.06
N LYS B 85 -12.53 -4.94 -26.56
CA LYS B 85 -12.94 -3.83 -27.42
C LYS B 85 -11.72 -3.07 -27.94
N THR B 86 -10.70 -2.88 -27.09
CA THR B 86 -9.48 -2.20 -27.50
C THR B 86 -8.74 -2.98 -28.59
N LEU B 87 -8.61 -4.29 -28.39
CA LEU B 87 -7.94 -5.11 -29.40
C LEU B 87 -8.72 -5.14 -30.71
N ALA B 88 -10.04 -5.16 -30.63
CA ALA B 88 -10.84 -5.15 -31.85
C ALA B 88 -10.65 -3.85 -32.62
N ALA B 89 -10.49 -2.72 -31.90
CA ALA B 89 -10.30 -1.44 -32.58
C ALA B 89 -8.89 -1.31 -33.15
N PHE B 90 -7.87 -1.68 -32.37
CA PHE B 90 -6.51 -1.28 -32.68
C PHE B 90 -5.49 -2.42 -32.74
N GLY B 91 -5.83 -3.63 -32.30
CA GLY B 91 -4.98 -4.78 -32.52
C GLY B 91 -3.84 -4.98 -31.54
N ALA B 92 -3.61 -4.08 -30.60
CA ALA B 92 -2.50 -4.20 -29.66
C ALA B 92 -2.81 -3.33 -28.45
N ILE B 93 -2.09 -3.58 -27.35
CA ILE B 93 -2.00 -2.64 -26.22
C ILE B 93 -0.51 -2.52 -25.93
N ASP B 94 0.14 -1.49 -26.47
CA ASP B 94 1.59 -1.31 -26.25
C ASP B 94 1.89 -0.60 -24.95
N VAL B 95 1.01 0.31 -24.51
CA VAL B 95 1.27 1.20 -23.38
C VAL B 95 0.01 1.23 -22.54
N LEU B 96 0.16 1.11 -21.23
CA LEU B 96 -0.95 1.20 -20.28
C LEU B 96 -0.64 2.30 -19.29
N ILE B 97 -1.52 3.29 -19.22
CA ILE B 97 -1.43 4.38 -18.25
C ILE B 97 -2.58 4.22 -17.27
N ASN B 98 -2.28 3.84 -16.04
CA ASN B 98 -3.29 3.68 -14.98
C ASN B 98 -3.46 5.04 -14.29
N CYS B 99 -4.45 5.83 -14.69
N CYS B 99 -4.52 5.73 -14.60
CA CYS B 99 -4.73 7.11 -14.02
CA CYS B 99 -4.68 7.09 -14.10
C CYS B 99 -6.22 7.34 -13.76
C CYS B 99 -5.92 7.32 -13.21
N ALA B 100 -6.92 6.27 -13.41
N ALA B 100 -6.86 6.38 -13.13
CA ALA B 100 -8.21 6.33 -12.75
CA ALA B 100 -8.27 6.60 -12.72
C ALA B 100 -7.96 6.27 -11.25
C ALA B 100 -8.58 6.61 -11.21
N GLY B 101 -8.62 7.16 -10.50
N GLY B 101 -7.81 7.28 -10.36
CA GLY B 101 -8.48 7.14 -9.05
CA GLY B 101 -8.09 7.25 -8.91
C GLY B 101 -9.38 8.15 -8.39
C GLY B 101 -9.22 8.17 -8.38
N ILE B 102 -9.60 7.95 -7.10
CA ILE B 102 -10.48 8.81 -6.29
C ILE B 102 -9.75 9.22 -5.01
N THR B 103 -10.25 10.29 -4.37
CA THR B 103 -9.63 10.73 -3.12
C THR B 103 -10.26 10.13 -1.88
N GLY B 104 -11.58 9.92 -1.88
CA GLY B 104 -12.27 9.49 -0.69
C GLY B 104 -12.48 10.57 0.34
N GLY B 105 -12.35 11.85 -0.03
CA GLY B 105 -12.55 12.94 0.92
C GLY B 105 -11.44 12.97 1.97
N ASN B 106 -11.66 13.77 3.00
CA ASN B 106 -10.64 13.97 4.03
C ASN B 106 -11.24 13.80 5.41
N GLY B 107 -10.44 13.23 6.31
CA GLY B 107 -10.82 13.02 7.69
C GLY B 107 -9.73 12.22 8.38
N THR B 108 -9.71 12.19 9.70
CA THR B 108 -8.69 11.41 10.38
C THR B 108 -8.90 9.91 10.15
N THR B 109 -7.85 9.14 10.43
CA THR B 109 -7.93 7.69 10.19
C THR B 109 -9.09 7.08 10.93
N TRP B 110 -9.34 7.51 12.17
CA TRP B 110 -10.35 6.89 13.01
C TRP B 110 -11.75 7.47 12.78
N GLU B 111 -11.88 8.60 12.08
CA GLU B 111 -13.19 9.19 11.80
C GLU B 111 -13.71 8.92 10.40
N LEU B 112 -12.86 8.58 9.44
CA LEU B 112 -13.33 8.21 8.11
C LEU B 112 -14.29 7.00 8.22
N GLU B 113 -15.22 6.90 7.29
CA GLU B 113 -16.09 5.72 7.27
C GLU B 113 -15.35 4.51 6.70
N PRO B 114 -15.44 3.33 7.33
CA PRO B 114 -14.76 2.15 6.78
C PRO B 114 -15.16 1.81 5.36
N ASP B 115 -16.41 2.03 4.97
CA ASP B 115 -16.76 1.68 3.59
CA ASP B 115 -16.79 1.70 3.59
C ASP B 115 -16.10 2.62 2.58
N VAL B 116 -15.86 3.88 2.95
CA VAL B 116 -15.12 4.79 2.10
C VAL B 116 -13.63 4.40 2.09
N TRP B 117 -13.06 4.05 3.24
CA TRP B 117 -11.69 3.56 3.29
C TRP B 117 -11.51 2.37 2.33
N ARG B 118 -12.42 1.39 2.43
CA ARG B 118 -12.32 0.23 1.54
C ARG B 118 -12.48 0.63 0.08
N GLN B 119 -13.40 1.55 -0.21
CA GLN B 119 -13.64 1.96 -1.60
C GLN B 119 -12.41 2.60 -2.22
N VAL B 120 -11.70 3.43 -1.46
CA VAL B 120 -10.46 4.02 -1.96
C VAL B 120 -9.41 2.96 -2.25
N ILE B 121 -9.27 1.97 -1.36
CA ILE B 121 -8.33 0.90 -1.64
C ILE B 121 -8.74 0.13 -2.90
N ASP B 122 -10.05 -0.13 -3.06
CA ASP B 122 -10.54 -0.88 -4.22
C ASP B 122 -10.25 -0.11 -5.51
N VAL B 123 -10.62 1.16 -5.57
CA VAL B 123 -10.46 1.90 -6.83
C VAL B 123 -8.99 2.17 -7.12
N ASN B 124 -8.22 2.54 -6.10
CA ASN B 124 -6.88 3.06 -6.34
C ASN B 124 -5.78 2.02 -6.33
N LEU B 125 -6.00 0.85 -5.70
CA LEU B 125 -5.01 -0.21 -5.62
C LEU B 125 -5.48 -1.48 -6.29
N ILE B 126 -6.66 -2.00 -5.91
CA ILE B 126 -7.16 -3.21 -6.57
C ILE B 126 -7.38 -2.95 -8.05
N GLY B 127 -7.93 -1.79 -8.40
CA GLY B 127 -8.21 -1.49 -9.80
C GLY B 127 -6.99 -1.58 -10.71
N PRO B 128 -5.91 -0.84 -10.41
CA PRO B 128 -4.70 -0.96 -11.24
C PRO B 128 -4.14 -2.35 -11.26
N TYR B 129 -4.20 -3.08 -10.15
CA TYR B 129 -3.83 -4.50 -10.16
C TYR B 129 -4.64 -5.28 -11.19
N LEU B 130 -5.97 -5.15 -11.20
CA LEU B 130 -6.81 -5.91 -12.12
C LEU B 130 -6.53 -5.52 -13.56
N VAL B 131 -6.29 -4.22 -13.81
CA VAL B 131 -5.99 -3.81 -15.18
C VAL B 131 -4.65 -4.39 -15.64
N CYS B 132 -3.62 -4.32 -14.77
CA CYS B 132 -2.34 -4.92 -15.10
C CYS B 132 -2.46 -6.42 -15.35
N ARG B 133 -3.21 -7.13 -14.53
CA ARG B 133 -3.41 -8.57 -14.70
CA ARG B 133 -3.29 -8.57 -14.76
C ARG B 133 -3.97 -8.89 -16.08
N ALA B 134 -4.90 -8.06 -16.56
CA ALA B 134 -5.54 -8.30 -17.85
C ALA B 134 -4.65 -7.91 -19.02
N VAL B 135 -3.81 -6.90 -18.85
CA VAL B 135 -3.04 -6.34 -19.96
C VAL B 135 -1.67 -6.98 -20.13
N VAL B 136 -1.01 -7.37 -19.04
CA VAL B 136 0.33 -7.96 -19.12
C VAL B 136 0.37 -9.15 -20.08
N PRO B 137 -0.58 -10.09 -20.07
CA PRO B 137 -0.49 -11.20 -21.04
C PRO B 137 -0.48 -10.74 -22.48
N GLN B 138 -1.18 -9.65 -22.79
CA GLN B 138 -1.15 -9.09 -24.15
C GLN B 138 0.22 -8.50 -24.48
N MET B 139 0.83 -7.81 -23.51
CA MET B 139 2.18 -7.28 -23.73
C MET B 139 3.20 -8.40 -23.91
N LEU B 140 3.05 -9.49 -23.14
CA LEU B 140 3.92 -10.64 -23.34
C LEU B 140 3.75 -11.22 -24.74
N LYS B 141 2.50 -11.31 -25.21
CA LYS B 141 2.22 -11.80 -26.57
C LYS B 141 2.92 -10.95 -27.62
N GLN B 142 3.00 -9.63 -27.39
CA GLN B 142 3.64 -8.68 -28.29
C GLN B 142 5.15 -8.66 -28.19
N GLY B 143 5.73 -9.15 -27.10
CA GLY B 143 7.13 -8.92 -26.82
C GLY B 143 7.47 -7.47 -26.56
N TYR B 144 6.53 -6.67 -26.06
CA TYR B 144 6.76 -5.24 -25.81
C TYR B 144 5.66 -4.68 -24.95
N GLY B 145 6.03 -3.85 -23.98
CA GLY B 145 5.05 -2.99 -23.34
C GLY B 145 5.70 -1.94 -22.47
N ARG B 146 4.91 -0.93 -22.14
CA ARG B 146 5.27 0.05 -21.11
C ARG B 146 4.04 0.26 -20.24
N ILE B 147 4.23 0.21 -18.92
CA ILE B 147 3.15 0.49 -17.97
C ILE B 147 3.57 1.68 -17.12
N VAL B 148 2.67 2.63 -16.93
CA VAL B 148 2.93 3.82 -16.11
C VAL B 148 1.76 3.94 -15.14
N ASN B 149 2.05 3.80 -13.83
CA ASN B 149 1.04 3.88 -12.79
C ASN B 149 1.08 5.26 -12.17
N ILE B 150 -0.04 5.99 -12.20
CA ILE B 150 -0.09 7.33 -11.63
CA ILE B 150 -0.10 7.33 -11.64
C ILE B 150 -0.42 7.19 -10.16
N ALA B 151 0.60 7.38 -9.31
CA ALA B 151 0.46 7.36 -7.87
C ALA B 151 0.23 8.77 -7.36
N SER B 152 0.91 9.20 -6.31
CA SER B 152 0.78 10.54 -5.74
C SER B 152 1.94 10.74 -4.79
N VAL B 153 2.32 12.00 -4.58
CA VAL B 153 3.26 12.28 -3.49
C VAL B 153 2.69 11.81 -2.16
N ALA B 154 1.36 11.74 -2.01
CA ALA B 154 0.78 11.19 -0.79
C ALA B 154 1.21 9.75 -0.54
N GLY B 155 1.45 8.98 -1.59
CA GLY B 155 1.93 7.61 -1.43
C GLY B 155 3.35 7.52 -0.92
N LYS B 156 4.17 8.55 -1.17
CA LYS B 156 5.51 8.62 -0.58
C LYS B 156 5.47 9.09 0.87
N GLU B 157 4.51 9.96 1.22
CA GLU B 157 4.62 10.77 2.43
C GLU B 157 3.62 10.48 3.54
N GLY B 158 2.45 9.92 3.20
CA GLY B 158 1.41 9.70 4.21
C GLY B 158 0.80 11.01 4.68
N ASN B 159 -0.06 11.61 3.87
CA ASN B 159 -0.64 12.89 4.27
C ASN B 159 -1.63 12.69 5.43
N PRO B 160 -1.59 13.56 6.44
CA PRO B 160 -2.63 13.52 7.47
C PRO B 160 -3.97 13.85 6.84
N ASN B 161 -5.02 13.23 7.38
CA ASN B 161 -6.40 13.37 6.91
C ASN B 161 -6.63 12.76 5.54
N ALA B 162 -5.69 11.93 5.08
CA ALA B 162 -5.82 11.22 3.81
C ALA B 162 -5.16 9.85 3.94
N SER B 163 -5.44 9.13 5.02
CA SER B 163 -4.79 7.83 5.27
C SER B 163 -5.15 6.79 4.21
N HIS B 164 -6.42 6.74 3.80
CA HIS B 164 -6.83 5.78 2.78
C HIS B 164 -6.18 6.09 1.44
N TYR B 165 -6.24 7.36 1.02
CA TYR B 165 -5.63 7.76 -0.24
C TYR B 165 -4.13 7.47 -0.23
N SER B 166 -3.47 7.86 0.86
CA SER B 166 -2.03 7.66 0.99
C SER B 166 -1.67 6.19 1.00
N ALA B 167 -2.39 5.38 1.78
CA ALA B 167 -2.11 3.94 1.80
C ALA B 167 -2.32 3.32 0.42
N SER B 168 -3.38 3.72 -0.29
CA SER B 168 -3.65 3.13 -1.61
C SER B 168 -2.55 3.48 -2.58
N LYS B 169 -2.04 4.72 -2.55
CA LYS B 169 -1.01 5.13 -3.50
C LYS B 169 0.36 4.57 -3.11
N ALA B 170 0.61 4.41 -1.80
CA ALA B 170 1.81 3.70 -1.35
C ALA B 170 1.76 2.26 -1.80
N GLY B 171 0.58 1.62 -1.69
CA GLY B 171 0.43 0.25 -2.16
C GLY B 171 0.66 0.14 -3.66
N LEU B 172 0.19 1.13 -4.42
CA LEU B 172 0.37 1.14 -5.88
C LEU B 172 1.85 1.22 -6.24
N ILE B 173 2.63 2.00 -5.49
CA ILE B 173 4.08 2.03 -5.67
C ILE B 173 4.67 0.65 -5.40
N GLY B 174 4.24 -0.01 -4.32
CA GLY B 174 4.76 -1.36 -4.05
C GLY B 174 4.45 -2.36 -5.16
N LEU B 175 3.21 -2.32 -5.67
CA LEU B 175 2.83 -3.16 -6.82
C LEU B 175 3.74 -2.88 -8.01
N THR B 176 4.01 -1.60 -8.28
CA THR B 176 4.88 -1.21 -9.40
C THR B 176 6.26 -1.84 -9.28
N LYS B 177 6.82 -1.82 -8.07
CA LYS B 177 8.15 -2.38 -7.84
C LYS B 177 8.17 -3.90 -8.07
N SER B 178 7.16 -4.61 -7.57
CA SER B 178 7.10 -6.07 -7.78
C SER B 178 6.92 -6.41 -9.26
N LEU B 179 5.96 -5.75 -9.91
CA LEU B 179 5.62 -6.08 -11.29
C LEU B 179 6.80 -5.74 -12.21
N GLY B 180 7.49 -4.63 -11.97
CA GLY B 180 8.64 -4.29 -12.80
C GLY B 180 9.72 -5.35 -12.72
N LYS B 181 10.00 -5.84 -11.50
CA LYS B 181 11.01 -6.88 -11.39
C LYS B 181 10.56 -8.21 -12.00
N GLU B 182 9.26 -8.52 -11.95
CA GLU B 182 8.77 -9.75 -12.58
C GLU B 182 8.94 -9.70 -14.10
N LEU B 183 8.92 -8.52 -14.69
CA LEU B 183 8.94 -8.37 -16.15
C LEU B 183 10.26 -7.84 -16.68
N ALA B 184 11.29 -7.75 -15.83
CA ALA B 184 12.52 -7.05 -16.21
C ALA B 184 13.26 -7.67 -17.38
N THR B 185 13.09 -8.99 -17.61
CA THR B 185 13.73 -9.66 -18.73
C THR B 185 12.77 -9.89 -19.89
N LYS B 186 11.57 -9.30 -19.84
CA LYS B 186 10.52 -9.59 -20.82
CA LYS B 186 10.53 -9.60 -20.82
C LYS B 186 10.19 -8.39 -21.69
N ASN B 187 10.99 -7.33 -21.66
CA ASN B 187 10.82 -6.20 -22.56
C ASN B 187 9.56 -5.38 -22.25
N ILE B 188 9.08 -5.43 -21.01
CA ILE B 188 7.91 -4.66 -20.56
C ILE B 188 8.37 -3.93 -19.31
N LEU B 189 8.52 -2.60 -19.40
CA LEU B 189 9.01 -1.80 -18.27
C LEU B 189 7.82 -1.14 -17.59
N VAL B 190 7.93 -1.01 -16.26
CA VAL B 190 6.77 -0.68 -15.40
C VAL B 190 7.23 0.33 -14.37
N ASN B 191 6.65 1.53 -14.38
CA ASN B 191 7.12 2.59 -13.48
C ASN B 191 5.91 3.36 -12.97
N ALA B 192 6.15 4.13 -11.90
CA ALA B 192 5.11 4.95 -11.31
C ALA B 192 5.56 6.41 -11.35
N VAL B 193 4.58 7.31 -11.27
CA VAL B 193 4.81 8.74 -11.13
CA VAL B 193 4.84 8.75 -11.09
C VAL B 193 4.15 9.21 -9.84
N THR B 194 4.75 10.21 -9.18
CA THR B 194 4.18 10.78 -7.95
C THR B 194 3.91 12.27 -8.11
N PRO B 195 2.75 12.64 -8.64
CA PRO B 195 2.39 14.07 -8.75
C PRO B 195 2.04 14.67 -7.40
N ALA B 196 2.29 15.96 -7.28
CA ALA B 196 1.62 16.77 -6.29
C ALA B 196 0.25 17.16 -6.83
N ALA B 197 -0.45 17.98 -6.09
CA ALA B 197 -1.77 18.40 -6.50
C ALA B 197 -1.71 19.16 -7.83
N ALA B 198 -2.65 18.80 -8.71
CA ALA B 198 -2.94 19.54 -9.93
C ALA B 198 -4.39 20.00 -9.85
N LYS B 199 -4.65 21.25 -10.25
CA LYS B 199 -6.00 21.80 -10.25
C LYS B 199 -6.88 21.13 -11.30
N THR B 200 -7.57 20.06 -10.92
CA THR B 200 -8.53 19.40 -11.79
C THR B 200 -9.85 19.30 -11.03
N GLU B 201 -10.81 18.55 -11.57
CA GLU B 201 -12.09 18.38 -10.89
C GLU B 201 -11.97 17.55 -9.62
N ILE B 202 -10.88 16.79 -9.46
CA ILE B 202 -10.66 16.04 -8.23
C ILE B 202 -10.59 16.95 -7.01
N PHE B 203 -10.35 18.25 -7.21
CA PHE B 203 -10.35 19.19 -6.08
C PHE B 203 -11.72 19.29 -5.43
N ASP B 204 -12.79 19.04 -6.19
CA ASP B 204 -14.13 19.16 -5.63
C ASP B 204 -14.39 18.16 -4.52
N SER B 205 -13.62 17.06 -4.47
CA SER B 205 -13.82 16.00 -3.49
C SER B 205 -13.02 16.21 -2.21
N MET B 206 -12.32 17.33 -2.07
CA MET B 206 -11.45 17.58 -0.92
C MET B 206 -11.83 18.87 -0.22
N LYS B 207 -11.45 18.95 1.06
CA LYS B 207 -11.68 20.17 1.83
C LYS B 207 -10.69 21.24 1.40
N GLN B 208 -11.14 22.50 1.48
CA GLN B 208 -10.26 23.61 1.09
C GLN B 208 -9.00 23.66 1.93
N GLU B 209 -9.11 23.36 3.23
CA GLU B 209 -7.92 23.40 4.08
C GLU B 209 -6.90 22.35 3.67
N HIS B 210 -7.36 21.21 3.12
CA HIS B 210 -6.43 20.20 2.63
C HIS B 210 -5.75 20.65 1.35
N ILE B 211 -6.50 21.31 0.47
CA ILE B 211 -5.91 21.88 -0.73
C ILE B 211 -4.84 22.91 -0.38
N ASP B 212 -5.13 23.78 0.60
CA ASP B 212 -4.14 24.77 1.04
C ASP B 212 -2.89 24.08 1.59
N TYR B 213 -3.10 23.04 2.42
CA TYR B 213 -1.99 22.27 2.96
C TYR B 213 -1.12 21.69 1.85
N MET B 214 -1.75 21.09 0.84
CA MET B 214 -0.98 20.51 -0.25
C MET B 214 -0.14 21.57 -0.97
N LEU B 215 -0.72 22.77 -1.19
CA LEU B 215 0.01 23.82 -1.90
CA LEU B 215 0.00 23.83 -1.90
C LEU B 215 1.20 24.32 -1.09
N SER B 216 1.03 24.49 0.23
CA SER B 216 2.07 25.06 1.06
CA SER B 216 2.09 25.08 1.04
C SER B 216 3.36 24.24 1.06
N LYS B 217 3.27 22.98 0.71
CA LYS B 217 4.42 22.10 0.77
C LYS B 217 5.22 22.06 -0.52
N ILE B 218 4.87 22.88 -1.52
CA ILE B 218 5.46 22.83 -2.85
C ILE B 218 6.47 23.96 -3.01
N PRO B 219 7.78 23.66 -3.07
CA PRO B 219 8.78 24.74 -3.26
C PRO B 219 8.59 25.58 -4.51
N MET B 220 8.10 24.98 -5.61
CA MET B 220 7.82 25.74 -6.83
C MET B 220 6.65 26.70 -6.67
N ASN B 221 5.88 26.61 -5.59
CA ASN B 221 4.89 27.63 -5.24
CA ASN B 221 4.87 27.61 -5.23
C ASN B 221 3.74 27.72 -6.25
N ARG B 222 3.36 26.61 -6.87
CA ARG B 222 2.22 26.55 -7.76
C ARG B 222 1.82 25.09 -7.88
N PHE B 223 0.65 24.85 -8.46
CA PHE B 223 0.22 23.48 -8.70
C PHE B 223 0.80 22.91 -10.01
N LEU B 224 0.81 21.59 -10.07
CA LEU B 224 1.17 20.88 -11.30
C LEU B 224 0.14 21.11 -12.40
N LEU B 225 0.63 21.34 -13.64
CA LEU B 225 -0.29 21.39 -14.77
C LEU B 225 -0.43 20.01 -15.41
N PRO B 226 -1.66 19.63 -15.82
CA PRO B 226 -1.82 18.33 -16.49
C PRO B 226 -0.89 18.12 -17.69
N ASP B 227 -0.67 19.14 -18.52
CA ASP B 227 0.22 18.97 -19.67
C ASP B 227 1.64 18.66 -19.27
N GLU B 228 2.14 19.27 -18.18
CA GLU B 228 3.48 18.95 -17.67
CA GLU B 228 3.50 18.91 -17.80
C GLU B 228 3.55 17.51 -17.19
N ALA B 229 2.49 17.05 -16.53
CA ALA B 229 2.46 15.65 -16.10
C ALA B 229 2.55 14.72 -17.30
N ALA B 230 1.80 15.04 -18.38
CA ALA B 230 1.78 14.19 -19.57
C ALA B 230 3.15 14.07 -20.20
N SER B 231 3.97 15.12 -20.14
CA SER B 231 5.31 15.03 -20.74
C SER B 231 6.11 13.90 -20.13
N LEU B 232 6.11 13.78 -18.80
CA LEU B 232 6.90 12.75 -18.15
C LEU B 232 6.19 11.40 -18.25
N ILE B 233 4.88 11.36 -18.07
CA ILE B 233 4.14 10.10 -18.14
C ILE B 233 4.38 9.42 -19.48
N LEU B 234 4.33 10.19 -20.59
CA LEU B 234 4.51 9.55 -21.88
C LEU B 234 5.96 9.30 -22.21
N TRP B 235 6.91 10.01 -21.59
CA TRP B 235 8.31 9.60 -21.69
C TRP B 235 8.47 8.17 -21.18
N LEU B 236 7.85 7.88 -20.01
CA LEU B 236 7.89 6.55 -19.42
C LEU B 236 7.12 5.53 -20.26
N GLY B 237 6.22 5.99 -21.12
CA GLY B 237 5.50 5.13 -22.02
C GLY B 237 6.17 4.97 -23.37
N SER B 238 7.41 5.46 -23.53
CA SER B 238 8.09 5.46 -24.82
C SER B 238 9.28 4.51 -24.77
N GLU B 239 9.80 4.17 -25.97
CA GLU B 239 10.98 3.32 -26.05
C GLU B 239 12.23 3.96 -25.46
N ASP B 240 12.30 5.29 -25.37
N ASP B 240 12.29 5.28 -25.35
CA ASP B 240 13.44 5.96 -24.74
CA ASP B 240 13.46 5.92 -24.74
C ASP B 240 13.59 5.55 -23.27
C ASP B 240 13.60 5.54 -23.26
N CYS B 241 12.48 5.21 -22.60
CA CYS B 241 12.54 4.65 -21.25
C CYS B 241 12.98 3.21 -21.44
N ALA B 242 14.23 2.92 -21.12
CA ALA B 242 14.90 1.71 -21.57
C ALA B 242 15.63 0.97 -20.47
N PHE B 243 15.95 1.63 -19.36
CA PHE B 243 16.75 0.99 -18.31
C PHE B 243 16.26 1.45 -16.94
N SER B 244 14.96 1.75 -16.86
CA SER B 244 14.31 2.18 -15.63
C SER B 244 13.07 1.32 -15.51
N THR B 245 12.97 0.54 -14.43
CA THR B 245 11.79 -0.28 -14.22
C THR B 245 11.62 -0.54 -12.73
N GLY B 246 10.39 -0.77 -12.31
CA GLY B 246 10.07 -0.79 -10.90
C GLY B 246 10.44 0.48 -10.16
N SER B 247 10.46 1.62 -10.85
CA SER B 247 10.97 2.87 -10.32
CA SER B 247 10.98 2.88 -10.34
C SER B 247 9.85 3.89 -10.20
N VAL B 248 10.17 4.98 -9.52
CA VAL B 248 9.22 6.04 -9.19
C VAL B 248 9.79 7.35 -9.66
N PHE B 249 9.04 8.07 -10.50
CA PHE B 249 9.46 9.33 -11.10
C PHE B 249 8.62 10.46 -10.53
N ASP B 250 9.29 11.47 -10.00
CA ASP B 250 8.59 12.48 -9.20
C ASP B 250 8.04 13.64 -10.02
N LEU B 251 6.86 14.14 -9.60
CA LEU B 251 6.19 15.30 -10.19
C LEU B 251 5.62 16.21 -9.10
N SER B 252 6.42 16.44 -8.05
CA SER B 252 5.95 17.13 -6.86
C SER B 252 6.44 18.57 -6.73
N GLY B 253 7.11 19.11 -7.77
CA GLY B 253 7.49 20.52 -7.72
C GLY B 253 8.51 20.83 -6.65
N GLY B 254 9.38 19.87 -6.33
CA GLY B 254 10.41 20.04 -5.34
C GLY B 254 10.05 19.54 -3.96
N ARG B 255 8.80 19.11 -3.74
CA ARG B 255 8.37 18.73 -2.40
C ARG B 255 9.07 17.46 -1.91
N ALA B 256 8.99 16.39 -2.70
CA ALA B 256 9.40 15.08 -2.20
C ALA B 256 10.90 15.07 -1.87
N THR B 257 11.26 14.33 -0.84
CA THR B 257 12.66 14.22 -0.39
C THR B 257 13.28 12.88 -0.76
N TYR B 258 12.55 12.00 -1.41
N TYR B 258 12.55 12.04 -1.51
CA TYR B 258 13.19 10.87 -2.05
CA TYR B 258 12.98 10.76 -2.12
C TYR B 258 12.50 10.68 -3.37
C TYR B 258 11.99 10.38 -3.22
#